data_9OB4
#
_entry.id   9OB4
#
_cell.length_a   101.530
_cell.length_b   101.530
_cell.length_c   150.560
_cell.angle_alpha   90.000
_cell.angle_beta   90.000
_cell.angle_gamma   90.000
#
_symmetry.space_group_name_H-M   'P 41 21 2'
#
loop_
_entity.id
_entity.type
_entity.pdbx_description
1 polymer 'Cyclin-dependent kinase 2'
2 polymer 'G1/S-specific cyclin-E1'
3 non-polymer '(1R,3R)-3-{3-[(cyclohexanecarbonyl)amino]-1H-pyrazol-5-yl}cyclopentyl [(1S)-1-cyclopropylethyl]carbamate'
4 water water
#
loop_
_entity_poly.entity_id
_entity_poly.type
_entity_poly.pdbx_seq_one_letter_code
_entity_poly.pdbx_strand_id
1 'polypeptide(L)'
;SHMMENFQKVEKIGEGTYGVVYKARNKLTGEVVALKKIRLDTETEGVPSTAIREISLLKELNHPNIVKLLDVIHTENKLY
LVFEFLHQDLKKFMDASALTGIPLPLIKSYLFQLLQGLAFCHSHRVLHRDLKPQNLLINTEGAIKLADFGLARAFGVPVR
TY(TPO)HEVVTLWYRAPEILLGCKYYSTAVDIWSLGCIFAEMVTRRALFPGDSEIDQLFRIFRTLGTPDEVVWPGVTSM
PDYKPSFPKWARQDFSKVVPPLDEDGRSLLSQMLHYDPNKRISAKAALAHPFFQDVTKPVPHLRL
;
A
2 'polypeptide(L)'
;GSIIAPSRGSPLPVLSWANREEVWKIMLNKEKTYLRDQHFLEQHPLLQPKMRAILLDWLMEVCEVYKLHRETFYLAQDFF
DRYMATQENVVKTLLQLIGISSLFIAAKLEEIYPPKLHQFAYVTDGACSGDEILTMELMIMKALKWRLSPLTIVSWLNVY
MQVAYLNDLHEVLLPQYPQQIFIQIAELLDLCVLDVDCLEFPYGILAASALYHFSSSELMQKVSGYQWCDIENCVKWMVP
FAMVIRETGSSKLKHFRGVADEDAHNIQTHRDSLDLLDKARAKKA
;
B
#
# COMPACT_ATOMS: atom_id res chain seq x y z
N MET A 4 19.86 18.12 -14.40
CA MET A 4 18.79 19.10 -14.17
C MET A 4 19.04 20.42 -14.88
N GLU A 5 19.95 20.40 -15.87
CA GLU A 5 20.31 21.61 -16.60
C GLU A 5 19.27 21.98 -17.65
N ASN A 6 18.61 20.99 -18.27
CA ASN A 6 17.66 21.25 -19.35
C ASN A 6 16.34 21.86 -18.85
N PHE A 7 16.07 21.78 -17.55
CA PHE A 7 14.84 22.31 -16.97
C PHE A 7 15.08 23.67 -16.33
N GLN A 8 14.23 24.63 -16.67
CA GLN A 8 14.27 25.98 -16.12
C GLN A 8 13.05 26.18 -15.25
N LYS A 9 13.25 26.44 -13.97
CA LYS A 9 12.11 26.66 -13.08
C LYS A 9 11.35 27.89 -13.55
N VAL A 10 10.03 27.79 -13.60
CA VAL A 10 9.19 28.88 -14.09
C VAL A 10 8.44 29.56 -12.96
N GLU A 11 7.96 28.79 -11.98
CA GLU A 11 7.11 29.35 -10.94
C GLU A 11 6.96 28.33 -9.82
N LYS A 12 6.91 28.82 -8.57
CA LYS A 12 6.60 27.95 -7.45
C LYS A 12 5.09 27.74 -7.37
N ILE A 13 4.66 26.48 -7.32
CA ILE A 13 3.24 26.16 -7.33
C ILE A 13 2.77 25.40 -6.10
N GLY A 14 3.68 24.98 -5.22
CA GLY A 14 3.25 24.21 -4.07
C GLY A 14 4.37 24.04 -3.07
N GLU A 15 3.99 23.67 -1.85
CA GLU A 15 4.92 23.57 -0.74
C GLU A 15 4.34 22.66 0.32
N GLY A 16 5.11 21.66 0.73
N GLY A 16 5.13 21.70 0.78
CA GLY A 16 4.67 20.73 1.75
CA GLY A 16 4.74 20.86 1.89
C GLY A 16 5.74 20.53 2.80
C GLY A 16 5.90 20.54 2.81
N THR A 17 5.56 19.52 3.65
N THR A 17 5.70 19.64 3.77
CA THR A 17 6.50 19.30 4.74
CA THR A 17 6.77 19.29 4.69
C THR A 17 7.89 18.92 4.21
C THR A 17 7.93 18.62 3.97
N TYR A 18 7.96 18.05 3.20
N TYR A 18 7.63 17.81 2.96
CA TYR A 18 9.24 17.52 2.71
CA TYR A 18 8.65 17.15 2.15
C TYR A 18 9.66 18.10 1.37
C TYR A 18 9.55 18.16 1.44
N GLY A 19 9.21 19.30 1.02
N GLY A 19 8.94 19.16 0.81
CA GLY A 19 9.79 19.99 -0.12
CA GLY A 19 9.70 20.10 0.00
C GLY A 19 8.80 20.88 -0.84
C GLY A 19 8.76 20.94 -0.82
N VAL A 20 9.28 21.45 -1.94
CA VAL A 20 8.58 22.45 -2.73
C VAL A 20 8.29 21.88 -4.11
N VAL A 21 7.16 22.30 -4.67
CA VAL A 21 6.76 21.94 -6.02
C VAL A 21 6.89 23.16 -6.92
N TYR A 22 7.60 22.99 -8.05
CA TYR A 22 7.73 24.05 -9.05
C TYR A 22 7.14 23.62 -10.37
N LYS A 23 6.74 24.60 -11.17
CA LYS A 23 6.51 24.41 -12.60
C LYS A 23 7.81 24.70 -13.33
N ALA A 24 8.13 23.87 -14.32
CA ALA A 24 9.40 23.99 -15.02
C ALA A 24 9.21 23.75 -16.50
N ARG A 25 10.06 24.36 -17.30
CA ARG A 25 9.96 24.31 -18.76
C ARG A 25 11.25 23.74 -19.30
N ASN A 26 11.14 22.69 -20.10
CA ASN A 26 12.31 22.14 -20.78
C ASN A 26 12.81 23.17 -21.81
N LYS A 27 14.09 23.52 -21.70
CA LYS A 27 14.62 24.58 -22.56
C LYS A 27 14.68 24.15 -24.01
N LEU A 28 14.86 22.85 -24.29
CA LEU A 28 14.98 22.37 -25.67
C LEU A 28 13.62 22.06 -26.27
N THR A 29 12.87 21.16 -25.65
CA THR A 29 11.63 20.66 -26.20
C THR A 29 10.44 21.58 -25.97
N GLY A 30 10.58 22.59 -25.11
CA GLY A 30 9.44 23.40 -24.72
C GLY A 30 8.42 22.69 -23.85
N GLU A 31 8.75 21.48 -23.41
CA GLU A 31 7.85 20.70 -22.57
C GLU A 31 7.84 21.25 -21.15
N VAL A 32 6.65 21.40 -20.55
CA VAL A 32 6.50 21.88 -19.18
C VAL A 32 6.19 20.70 -18.28
N VAL A 33 6.79 20.70 -17.09
CA VAL A 33 6.61 19.63 -16.13
C VAL A 33 6.45 20.26 -14.75
N ALA A 34 6.11 19.43 -13.78
CA ALA A 34 6.07 19.82 -12.37
C ALA A 34 7.20 19.10 -11.63
N LEU A 35 8.03 19.86 -10.93
CA LEU A 35 9.16 19.32 -10.18
C LEU A 35 8.84 19.38 -8.69
N LYS A 36 8.81 18.23 -8.04
CA LYS A 36 8.75 18.19 -6.57
C LYS A 36 10.18 18.07 -6.06
N LYS A 37 10.70 19.14 -5.47
CA LYS A 37 12.09 19.18 -5.01
C LYS A 37 12.17 18.78 -3.55
N ILE A 38 13.07 17.84 -3.26
CA ILE A 38 13.36 17.44 -1.88
C ILE A 38 14.82 17.79 -1.60
N ARG A 39 15.05 18.60 -0.58
CA ARG A 39 16.39 19.00 -0.20
C ARG A 39 16.89 18.01 0.86
N LEU A 40 17.86 17.17 0.49
CA LEU A 40 18.28 16.07 1.34
C LEU A 40 19.18 16.52 2.49
N ASP A 41 19.87 17.64 2.34
CA ASP A 41 20.69 18.14 3.44
C ASP A 41 19.83 18.59 4.62
N THR A 42 18.58 18.97 4.37
CA THR A 42 17.67 19.36 5.43
C THR A 42 16.96 18.18 6.11
N GLU A 43 17.03 16.98 5.53
CA GLU A 43 16.27 15.85 6.02
C GLU A 43 17.10 15.05 7.01
N THR A 44 16.53 14.81 8.20
CA THR A 44 17.21 14.05 9.24
C THR A 44 17.10 12.54 9.04
N GLU A 45 16.10 12.07 8.32
CA GLU A 45 15.90 10.63 8.12
C GLU A 45 16.13 10.22 6.67
N GLY A 46 16.99 10.93 5.95
CA GLY A 46 17.19 10.57 4.55
C GLY A 46 15.95 10.85 3.71
N VAL A 47 15.76 10.04 2.67
CA VAL A 47 14.59 10.23 1.82
C VAL A 47 13.35 10.02 2.68
N PRO A 48 12.43 10.99 2.72
CA PRO A 48 11.24 10.87 3.58
C PRO A 48 10.43 9.63 3.22
N SER A 49 9.89 8.99 4.26
CA SER A 49 9.03 7.83 4.04
C SER A 49 7.96 8.12 3.00
N THR A 50 7.35 9.31 3.06
CA THR A 50 6.28 9.65 2.13
C THR A 50 6.78 9.76 0.69
N ALA A 51 8.02 10.18 0.48
CA ALA A 51 8.53 10.24 -0.89
C ALA A 51 8.86 8.85 -1.42
N ILE A 52 9.47 8.01 -0.59
CA ILE A 52 9.75 6.62 -1.00
C ILE A 52 8.46 5.91 -1.37
N ARG A 53 7.45 6.02 -0.51
CA ARG A 53 6.16 5.40 -0.83
C ARG A 53 5.61 5.95 -2.13
N GLU A 54 5.54 7.28 -2.26
CA GLU A 54 4.90 7.86 -3.43
C GLU A 54 5.63 7.46 -4.70
N ILE A 55 6.97 7.44 -4.67
CA ILE A 55 7.75 7.09 -5.86
C ILE A 55 7.49 5.63 -6.24
N SER A 56 7.65 4.72 -5.27
CA SER A 56 7.46 3.30 -5.57
C SER A 56 6.04 3.01 -6.03
N LEU A 57 5.04 3.64 -5.40
CA LEU A 57 3.66 3.41 -5.84
C LEU A 57 3.45 3.91 -7.27
N LEU A 58 3.87 5.15 -7.55
CA LEU A 58 3.61 5.73 -8.88
C LEU A 58 4.45 5.08 -9.97
N LYS A 59 5.61 4.50 -9.65
CA LYS A 59 6.33 3.72 -10.66
C LYS A 59 5.47 2.58 -11.18
N GLU A 60 4.53 2.08 -10.37
CA GLU A 60 3.72 0.94 -10.71
C GLU A 60 2.26 1.32 -10.97
N LEU A 61 1.92 2.61 -10.97
CA LEU A 61 0.55 3.04 -11.20
C LEU A 61 0.41 3.94 -12.43
N ASN A 62 0.72 3.43 -13.61
CA ASN A 62 0.57 4.21 -14.83
C ASN A 62 -0.86 4.08 -15.35
N HIS A 63 -1.57 5.20 -15.46
CA HIS A 63 -2.97 5.17 -15.85
C HIS A 63 -3.33 6.56 -16.38
N PRO A 64 -4.25 6.66 -17.32
CA PRO A 64 -4.56 7.99 -17.89
C PRO A 64 -5.18 8.95 -16.89
N ASN A 65 -5.76 8.48 -15.80
CA ASN A 65 -6.37 9.39 -14.83
C ASN A 65 -5.58 9.47 -13.52
N ILE A 66 -4.29 9.18 -13.59
CA ILE A 66 -3.36 9.34 -12.48
C ILE A 66 -2.19 10.19 -12.96
N VAL A 67 -1.86 11.26 -12.23
CA VAL A 67 -0.79 12.14 -12.69
C VAL A 67 0.51 11.37 -12.75
N LYS A 68 1.17 11.40 -13.90
CA LYS A 68 2.30 10.52 -14.17
C LYS A 68 3.56 11.01 -13.48
N LEU A 69 4.26 10.08 -12.80
CA LEU A 69 5.66 10.30 -12.43
C LEU A 69 6.57 9.97 -13.61
N LEU A 70 7.27 10.99 -14.13
CA LEU A 70 8.10 10.85 -15.32
C LEU A 70 9.53 10.44 -15.00
N ASP A 71 10.12 10.96 -13.91
CA ASP A 71 11.53 10.71 -13.64
C ASP A 71 11.83 11.00 -12.18
N VAL A 72 12.87 10.34 -11.66
CA VAL A 72 13.43 10.64 -10.34
C VAL A 72 14.90 10.95 -10.55
N ILE A 73 15.32 12.16 -10.16
CA ILE A 73 16.67 12.64 -10.41
C ILE A 73 17.32 12.99 -9.08
N HIS A 74 18.42 12.31 -8.79
CA HIS A 74 19.26 12.63 -7.64
C HIS A 74 20.44 13.44 -8.15
N THR A 75 20.53 14.70 -7.75
CA THR A 75 21.58 15.63 -8.17
C THR A 75 21.93 16.51 -6.98
N GLU A 76 23.21 16.56 -6.64
CA GLU A 76 23.74 17.32 -5.51
C GLU A 76 23.18 16.72 -4.23
N ASN A 77 22.83 17.53 -3.23
CA ASN A 77 22.08 17.05 -2.07
C ASN A 77 20.58 17.12 -2.28
N LYS A 78 20.12 16.90 -3.52
CA LYS A 78 18.73 17.12 -3.88
C LYS A 78 18.17 15.89 -4.58
N LEU A 79 16.87 15.68 -4.38
CA LEU A 79 16.11 14.67 -5.08
C LEU A 79 14.96 15.38 -5.78
N TYR A 80 14.91 15.27 -7.10
CA TYR A 80 13.85 15.89 -7.89
C TYR A 80 12.91 14.81 -8.40
N LEU A 81 11.63 14.92 -8.08
CA LEU A 81 10.61 14.07 -8.68
C LEU A 81 9.99 14.88 -9.82
N VAL A 82 10.01 14.34 -11.02
CA VAL A 82 9.52 15.04 -12.21
C VAL A 82 8.17 14.47 -12.58
N PHE A 83 7.15 15.33 -12.62
CA PHE A 83 5.78 14.91 -12.87
C PHE A 83 5.24 15.57 -14.15
N GLU A 84 4.28 14.89 -14.77
CA GLU A 84 3.35 15.51 -15.70
C GLU A 84 2.76 16.78 -15.07
N PHE A 85 2.58 17.82 -15.88
CA PHE A 85 2.03 19.10 -15.40
C PHE A 85 0.62 19.30 -15.94
N LEU A 86 -0.29 19.68 -15.05
CA LEU A 86 -1.66 20.06 -15.40
C LEU A 86 -1.93 21.45 -14.85
N HIS A 87 -2.67 22.26 -15.60
CA HIS A 87 -2.74 23.70 -15.33
C HIS A 87 -3.85 24.10 -14.36
N GLN A 88 -4.63 23.16 -13.83
CA GLN A 88 -5.82 23.54 -13.10
C GLN A 88 -6.15 22.46 -12.09
N ASP A 89 -6.74 22.84 -10.96
CA ASP A 89 -7.25 21.84 -10.03
C ASP A 89 -8.74 22.02 -9.86
N LEU A 90 -9.41 20.95 -9.43
CA LEU A 90 -10.86 20.96 -9.32
C LEU A 90 -11.36 22.01 -8.32
N LYS A 91 -10.61 22.24 -7.23
CA LYS A 91 -11.04 23.22 -6.23
C LYS A 91 -11.16 24.61 -6.84
N LYS A 92 -10.13 25.02 -7.60
CA LYS A 92 -10.19 26.31 -8.28
C LYS A 92 -11.25 26.33 -9.37
N PHE A 93 -11.47 25.20 -10.05
CA PHE A 93 -12.48 25.15 -11.09
C PHE A 93 -13.89 25.26 -10.52
N MET A 94 -14.12 24.60 -9.38
CA MET A 94 -15.41 24.71 -8.70
C MET A 94 -15.67 26.14 -8.21
N ASP A 95 -14.64 26.79 -7.64
CA ASP A 95 -14.81 28.16 -7.19
C ASP A 95 -15.07 29.09 -8.37
N ALA A 96 -14.35 28.91 -9.48
CA ALA A 96 -14.60 29.69 -10.68
C ALA A 96 -16.00 29.44 -11.25
N SER A 97 -16.55 28.24 -11.02
CA SER A 97 -17.86 27.88 -11.54
C SER A 97 -18.97 28.10 -10.53
N ALA A 98 -18.66 28.70 -9.38
CA ALA A 98 -19.62 28.70 -8.27
C ALA A 98 -20.91 29.45 -8.62
N LEU A 99 -20.81 30.57 -9.33
CA LEU A 99 -22.01 31.35 -9.58
C LEU A 99 -22.83 30.76 -10.73
N THR A 100 -22.17 30.12 -11.69
CA THR A 100 -22.87 29.55 -12.83
C THR A 100 -23.20 28.07 -12.63
N GLY A 101 -22.33 27.31 -11.98
CA GLY A 101 -22.47 25.88 -11.84
C GLY A 101 -21.67 25.13 -12.90
N ILE A 102 -21.24 23.93 -12.56
CA ILE A 102 -20.61 23.03 -13.53
C ILE A 102 -21.70 22.29 -14.28
N PRO A 103 -21.68 22.26 -15.61
CA PRO A 103 -22.72 21.54 -16.36
C PRO A 103 -22.73 20.06 -15.99
N LEU A 104 -23.93 19.50 -15.85
CA LEU A 104 -24.06 18.10 -15.47
C LEU A 104 -23.23 17.14 -16.32
N PRO A 105 -23.16 17.28 -17.66
CA PRO A 105 -22.35 16.32 -18.42
C PRO A 105 -20.88 16.37 -18.06
N LEU A 106 -20.36 17.54 -17.71
CA LEU A 106 -18.98 17.62 -17.26
C LEU A 106 -18.81 17.05 -15.85
N ILE A 107 -19.82 17.22 -14.98
CA ILE A 107 -19.76 16.58 -13.66
C ILE A 107 -19.70 15.07 -13.82
N LYS A 108 -20.54 14.54 -14.71
CA LYS A 108 -20.56 13.11 -14.96
C LYS A 108 -19.25 12.64 -15.56
N SER A 109 -18.74 13.37 -16.56
CA SER A 109 -17.47 12.98 -17.17
C SER A 109 -16.33 12.98 -16.16
N TYR A 110 -16.26 14.01 -15.31
CA TYR A 110 -15.22 14.07 -14.30
C TYR A 110 -15.34 12.95 -13.28
N LEU A 111 -16.56 12.70 -12.78
CA LEU A 111 -16.73 11.64 -11.81
C LEU A 111 -16.38 10.28 -12.40
N PHE A 112 -16.81 10.05 -13.64
CA PHE A 112 -16.49 8.81 -14.34
C PHE A 112 -14.99 8.59 -14.39
N GLN A 113 -14.25 9.65 -14.75
CA GLN A 113 -12.80 9.56 -14.87
C GLN A 113 -12.15 9.33 -13.51
N LEU A 114 -12.60 10.04 -12.47
CA LEU A 114 -12.04 9.83 -11.14
C LEU A 114 -12.31 8.39 -10.65
N LEU A 115 -13.49 7.86 -10.95
CA LEU A 115 -13.78 6.48 -10.57
C LEU A 115 -12.92 5.48 -11.36
N GLN A 116 -12.60 5.78 -12.63
CA GLN A 116 -11.69 4.91 -13.38
C GLN A 116 -10.29 4.95 -12.77
N GLY A 117 -9.82 6.14 -12.39
CA GLY A 117 -8.52 6.21 -11.76
C GLY A 117 -8.50 5.51 -10.41
N LEU A 118 -9.60 5.64 -9.66
CA LEU A 118 -9.66 5.03 -8.34
C LEU A 118 -9.80 3.52 -8.44
N ALA A 119 -10.65 3.04 -9.36
CA ALA A 119 -10.77 1.60 -9.63
C ALA A 119 -9.43 0.98 -9.98
N PHE A 120 -8.60 1.73 -10.72
CA PHE A 120 -7.26 1.25 -11.04
C PHE A 120 -6.37 1.19 -9.80
N CYS A 121 -6.43 2.22 -8.95
CA CYS A 121 -5.67 2.18 -7.69
C CYS A 121 -6.07 0.98 -6.86
N HIS A 122 -7.37 0.79 -6.68
CA HIS A 122 -7.85 -0.22 -5.77
C HIS A 122 -7.55 -1.63 -6.28
N SER A 123 -7.60 -1.85 -7.60
CA SER A 123 -7.24 -3.16 -8.12
C SER A 123 -5.74 -3.43 -8.02
N HIS A 124 -4.92 -2.37 -7.93
CA HIS A 124 -3.51 -2.52 -7.60
C HIS A 124 -3.28 -2.49 -6.11
N ARG A 125 -4.36 -2.59 -5.32
CA ARG A 125 -4.27 -2.60 -3.87
C ARG A 125 -3.55 -1.37 -3.35
N VAL A 126 -3.99 -0.19 -3.81
CA VAL A 126 -3.46 1.08 -3.32
C VAL A 126 -4.64 1.93 -2.82
N LEU A 127 -4.51 2.43 -1.60
CA LEU A 127 -5.42 3.44 -1.04
C LEU A 127 -4.83 4.81 -1.29
N HIS A 128 -5.64 5.75 -1.80
CA HIS A 128 -5.12 7.13 -1.96
C HIS A 128 -5.09 7.87 -0.63
N ARG A 129 -6.23 7.89 0.07
CA ARG A 129 -6.39 8.39 1.44
C ARG A 129 -6.28 9.90 1.57
N ASP A 130 -6.25 10.65 0.48
CA ASP A 130 -6.28 12.11 0.62
C ASP A 130 -6.98 12.72 -0.58
N LEU A 131 -8.12 12.14 -0.94
CA LEU A 131 -8.88 12.63 -2.08
C LEU A 131 -9.62 13.87 -1.63
N LYS A 132 -9.31 14.98 -2.27
CA LYS A 132 -9.96 16.25 -2.01
C LYS A 132 -9.80 17.09 -3.25
N PRO A 133 -10.68 18.07 -3.47
CA PRO A 133 -10.66 18.77 -4.76
C PRO A 133 -9.31 19.39 -5.08
N GLN A 134 -8.54 19.80 -4.08
N GLN A 134 -8.56 19.82 -4.07
CA GLN A 134 -7.23 20.39 -4.35
CA GLN A 134 -7.22 20.36 -4.32
C GLN A 134 -6.23 19.39 -4.92
C GLN A 134 -6.35 19.38 -5.09
N ASN A 135 -6.49 18.09 -4.80
CA ASN A 135 -5.60 17.07 -5.33
C ASN A 135 -6.05 16.47 -6.65
N LEU A 136 -7.09 17.04 -7.27
CA LEU A 136 -7.64 16.52 -8.51
C LEU A 136 -7.32 17.53 -9.61
N LEU A 137 -6.48 17.13 -10.56
CA LEU A 137 -5.91 18.07 -11.50
C LEU A 137 -6.59 17.92 -12.84
N ILE A 138 -6.69 19.04 -13.54
CA ILE A 138 -7.47 19.17 -14.77
C ILE A 138 -6.56 19.75 -15.85
N ASN A 139 -6.64 19.19 -17.06
CA ASN A 139 -5.89 19.75 -18.18
C ASN A 139 -6.86 20.45 -19.13
N THR A 140 -6.33 20.89 -20.27
CA THR A 140 -7.11 21.67 -21.24
C THR A 140 -7.91 20.80 -22.18
N GLU A 141 -7.80 19.48 -22.07
CA GLU A 141 -8.49 18.55 -22.97
C GLU A 141 -9.57 17.74 -22.27
N GLY A 142 -10.12 18.23 -21.16
CA GLY A 142 -11.25 17.59 -20.52
C GLY A 142 -10.92 16.42 -19.60
N ALA A 143 -9.64 16.18 -19.32
CA ALA A 143 -9.25 15.09 -18.44
C ALA A 143 -9.07 15.61 -17.02
N ILE A 144 -9.32 14.72 -16.05
CA ILE A 144 -9.06 15.01 -14.64
C ILE A 144 -8.34 13.81 -14.05
N LYS A 145 -7.41 14.06 -13.12
CA LYS A 145 -6.43 13.07 -12.73
C LYS A 145 -6.16 13.15 -11.24
N LEU A 146 -5.97 11.97 -10.64
CA LEU A 146 -5.56 11.88 -9.24
C LEU A 146 -4.10 12.28 -9.09
N ALA A 147 -3.81 13.07 -8.07
CA ALA A 147 -2.46 13.54 -7.80
C ALA A 147 -2.23 13.52 -6.31
N ASP A 148 -0.97 13.75 -5.94
CA ASP A 148 -0.46 13.76 -4.58
C ASP A 148 -0.71 12.44 -3.87
N PHE A 149 0.16 11.46 -4.14
CA PHE A 149 0.10 10.15 -3.51
C PHE A 149 1.00 10.06 -2.27
N GLY A 150 1.39 11.21 -1.71
CA GLY A 150 2.21 11.23 -0.51
C GLY A 150 1.56 10.57 0.71
N LEU A 151 0.24 10.51 0.76
CA LEU A 151 -0.45 9.87 1.86
C LEU A 151 -0.97 8.49 1.49
N ALA A 152 -0.66 8.02 0.30
CA ALA A 152 -1.17 6.74 -0.16
C ALA A 152 -0.48 5.59 0.57
N ARG A 153 -1.06 4.41 0.43
CA ARG A 153 -0.51 3.21 1.05
C ARG A 153 -1.02 2.00 0.28
N ALA A 154 -0.11 1.11 -0.09
CA ALA A 154 -0.53 -0.20 -0.55
C ALA A 154 -1.15 -0.94 0.63
N PHE A 155 -2.24 -1.68 0.36
CA PHE A 155 -2.80 -2.52 1.42
C PHE A 155 -2.59 -3.98 1.07
N GLY A 156 -2.39 -4.78 2.11
CA GLY A 156 -2.29 -6.20 1.96
C GLY A 156 -3.65 -6.85 1.81
N VAL A 157 -3.62 -8.13 1.46
CA VAL A 157 -4.81 -8.97 1.43
C VAL A 157 -4.57 -10.16 2.34
N PRO A 158 -5.11 -10.16 3.56
CA PRO A 158 -5.93 -9.11 4.20
C PRO A 158 -5.12 -7.91 4.69
N VAL A 159 -5.80 -6.81 5.01
CA VAL A 159 -5.13 -5.64 5.59
C VAL A 159 -4.75 -5.93 7.04
N ARG A 160 -3.87 -5.11 7.58
CA ARG A 160 -3.75 -4.96 9.02
C ARG A 160 -4.02 -3.50 9.36
N THR A 161 -3.89 -3.16 10.64
CA THR A 161 -4.15 -1.79 11.09
C THR A 161 -3.16 -0.82 10.47
N TYR A 162 -3.68 0.23 9.85
CA TYR A 162 -2.83 1.21 9.21
C TYR A 162 -2.92 2.54 9.96
N HIS A 164 -3.91 5.72 11.54
CA HIS A 164 -5.17 6.28 12.00
C HIS A 164 -5.29 7.76 11.60
N GLU A 165 -6.51 8.29 11.60
CA GLU A 165 -6.76 9.71 11.36
C GLU A 165 -6.08 10.19 10.08
N VAL A 166 -6.52 9.57 8.99
CA VAL A 166 -6.09 9.92 7.65
C VAL A 166 -7.23 10.70 6.99
N VAL A 167 -6.94 11.26 5.80
CA VAL A 167 -7.86 12.05 4.97
C VAL A 167 -8.10 13.42 5.61
N THR A 168 -8.14 14.46 4.77
CA THR A 168 -8.51 15.79 5.22
C THR A 168 -9.93 15.78 5.78
N LEU A 169 -10.15 16.59 6.83
CA LEU A 169 -11.32 16.43 7.70
C LEU A 169 -12.65 16.42 6.94
N TRP A 170 -12.85 17.36 6.03
CA TRP A 170 -14.14 17.46 5.35
C TRP A 170 -14.45 16.25 4.49
N TYR A 171 -13.41 15.53 4.06
CA TYR A 171 -13.58 14.38 3.17
C TYR A 171 -13.38 13.06 3.90
N ARG A 172 -13.39 13.07 5.23
CA ARG A 172 -13.02 11.90 6.03
C ARG A 172 -14.23 11.03 6.35
N ALA A 173 -14.10 9.73 6.07
CA ALA A 173 -15.19 8.80 6.22
C ALA A 173 -15.59 8.64 7.70
N PRO A 174 -16.87 8.34 7.97
CA PRO A 174 -17.30 8.23 9.37
C PRO A 174 -16.63 7.08 10.12
N GLU A 175 -16.24 6.00 9.46
CA GLU A 175 -15.58 4.93 10.20
C GLU A 175 -14.21 5.39 10.70
N ILE A 176 -13.53 6.26 9.96
CA ILE A 176 -12.30 6.85 10.47
C ILE A 176 -12.60 7.70 11.71
N LEU A 177 -13.63 8.54 11.63
CA LEU A 177 -13.96 9.43 12.74
C LEU A 177 -14.39 8.67 13.98
N LEU A 178 -14.93 7.47 13.83
CA LEU A 178 -15.36 6.69 14.99
C LEU A 178 -14.30 5.70 15.46
N GLY A 179 -13.12 5.69 14.83
CA GLY A 179 -11.97 4.98 15.36
C GLY A 179 -11.84 3.52 14.98
N CYS A 180 -12.21 3.16 13.74
CA CYS A 180 -12.15 1.76 13.33
C CYS A 180 -10.70 1.26 13.32
N LYS A 181 -10.54 -0.02 13.66
CA LYS A 181 -9.23 -0.66 13.66
C LYS A 181 -8.70 -0.87 12.24
N TYR A 182 -9.55 -1.35 11.34
CA TYR A 182 -9.15 -1.70 9.98
C TYR A 182 -9.90 -0.83 8.98
N TYR A 183 -9.27 -0.56 7.85
CA TYR A 183 -9.98 0.12 6.78
C TYR A 183 -9.28 -0.19 5.47
N SER A 184 -10.00 0.05 4.38
CA SER A 184 -9.39 -0.08 3.06
C SER A 184 -10.15 0.81 2.08
N THR A 185 -10.56 0.26 0.95
CA THR A 185 -10.95 1.06 -0.21
C THR A 185 -12.16 1.95 0.04
N ALA A 186 -12.99 1.62 1.03
CA ALA A 186 -14.21 2.40 1.27
C ALA A 186 -13.91 3.86 1.62
N VAL A 187 -12.75 4.16 2.23
CA VAL A 187 -12.50 5.55 2.62
C VAL A 187 -12.37 6.44 1.40
N ASP A 188 -11.75 5.95 0.33
CA ASP A 188 -11.62 6.75 -0.89
C ASP A 188 -12.98 7.00 -1.54
N ILE A 189 -13.87 6.00 -1.52
CA ILE A 189 -15.20 6.17 -2.14
C ILE A 189 -15.99 7.25 -1.42
N TRP A 190 -15.96 7.24 -0.08
CA TRP A 190 -16.62 8.30 0.69
C TRP A 190 -16.15 9.69 0.26
N SER A 191 -14.83 9.88 0.18
CA SER A 191 -14.29 11.16 -0.24
C SER A 191 -14.83 11.56 -1.61
N LEU A 192 -14.88 10.62 -2.55
CA LEU A 192 -15.35 10.93 -3.89
C LEU A 192 -16.82 11.28 -3.89
N GLY A 193 -17.59 10.61 -3.04
CA GLY A 193 -18.98 10.99 -2.87
C GLY A 193 -19.14 12.41 -2.35
N CYS A 194 -18.35 12.79 -1.34
CA CYS A 194 -18.39 14.17 -0.87
C CYS A 194 -18.05 15.13 -2.02
N ILE A 195 -17.08 14.77 -2.84
CA ILE A 195 -16.64 15.62 -3.94
C ILE A 195 -17.73 15.72 -5.01
N PHE A 196 -18.39 14.60 -5.29
CA PHE A 196 -19.52 14.57 -6.22
C PHE A 196 -20.60 15.56 -5.80
N ALA A 197 -21.07 15.44 -4.56
CA ALA A 197 -22.07 16.40 -4.06
C ALA A 197 -21.53 17.83 -4.12
N GLU A 198 -20.23 18.00 -3.91
CA GLU A 198 -19.68 19.35 -3.88
C GLU A 198 -19.67 19.96 -5.27
N MET A 199 -19.42 19.15 -6.30
CA MET A 199 -19.55 19.62 -7.68
C MET A 199 -20.99 20.02 -7.99
N VAL A 200 -21.96 19.27 -7.47
CA VAL A 200 -23.35 19.50 -7.80
C VAL A 200 -23.87 20.78 -7.15
N THR A 201 -23.56 20.97 -5.86
CA THR A 201 -24.09 22.08 -5.07
C THR A 201 -23.13 23.24 -4.95
N ARG A 202 -21.87 23.07 -5.35
CA ARG A 202 -20.82 24.09 -5.27
C ARG A 202 -20.57 24.57 -3.84
N ARG A 203 -20.82 23.70 -2.87
CA ARG A 203 -20.51 23.94 -1.48
C ARG A 203 -20.05 22.61 -0.88
N ALA A 204 -19.04 22.67 -0.01
CA ALA A 204 -18.60 21.46 0.68
C ALA A 204 -19.79 20.78 1.36
N LEU A 205 -19.86 19.46 1.23
CA LEU A 205 -21.02 18.74 1.78
C LEU A 205 -21.01 18.72 3.29
N PHE A 206 -19.85 18.45 3.91
CA PHE A 206 -19.73 18.34 5.36
C PHE A 206 -18.53 19.15 5.83
N PRO A 207 -18.66 20.47 5.93
CA PRO A 207 -17.47 21.29 6.28
C PRO A 207 -17.23 21.43 7.77
N GLY A 208 -16.83 20.36 8.44
CA GLY A 208 -16.66 20.43 9.89
C GLY A 208 -15.40 21.16 10.30
N ASP A 209 -15.37 21.62 11.54
CA ASP A 209 -14.18 22.29 12.07
C ASP A 209 -13.57 21.53 13.25
N SER A 210 -14.01 20.31 13.51
CA SER A 210 -13.44 19.42 14.52
C SER A 210 -13.98 18.03 14.22
N GLU A 211 -13.33 17.01 14.79
CA GLU A 211 -13.75 15.64 14.53
C GLU A 211 -15.22 15.42 14.93
N ILE A 212 -15.61 15.89 16.12
CA ILE A 212 -16.98 15.65 16.58
C ILE A 212 -17.97 16.49 15.78
N ASP A 213 -17.58 17.69 15.34
CA ASP A 213 -18.46 18.50 14.51
C ASP A 213 -18.61 17.89 13.11
N GLN A 214 -17.53 17.33 12.58
CA GLN A 214 -17.60 16.64 11.30
C GLN A 214 -18.58 15.48 11.38
N LEU A 215 -18.44 14.67 12.43
CA LEU A 215 -19.33 13.52 12.60
C LEU A 215 -20.77 13.98 12.70
N PHE A 216 -21.03 15.01 13.52
CA PHE A 216 -22.43 15.43 13.68
C PHE A 216 -22.99 16.03 12.40
N ARG A 217 -22.18 16.73 11.61
CA ARG A 217 -22.65 17.20 10.31
C ARG A 217 -23.02 16.04 9.42
N ILE A 218 -22.27 14.94 9.50
CA ILE A 218 -22.65 13.73 8.76
C ILE A 218 -23.97 13.19 9.29
N PHE A 219 -24.08 13.04 10.61
CA PHE A 219 -25.30 12.50 11.21
C PHE A 219 -26.51 13.35 10.84
N ARG A 220 -26.35 14.68 10.85
CA ARG A 220 -27.47 15.58 10.58
C ARG A 220 -27.98 15.45 9.16
N THR A 221 -27.14 15.01 8.23
CA THR A 221 -27.54 14.88 6.84
C THR A 221 -27.98 13.47 6.46
N LEU A 222 -27.25 12.47 6.92
CA LEU A 222 -27.50 11.08 6.59
C LEU A 222 -28.28 10.35 7.66
N GLY A 223 -28.63 11.03 8.75
CA GLY A 223 -29.22 10.35 9.89
C GLY A 223 -28.17 9.72 10.79
N THR A 224 -28.47 9.71 12.07
CA THR A 224 -27.61 9.05 13.04
C THR A 224 -27.63 7.54 12.81
N PRO A 225 -26.49 6.89 12.54
CA PRO A 225 -26.53 5.46 12.21
C PRO A 225 -26.80 4.61 13.44
N ASP A 226 -27.34 3.42 13.18
CA ASP A 226 -27.60 2.41 14.21
C ASP A 226 -27.18 1.04 13.69
N GLU A 227 -27.46 0.01 14.49
CA GLU A 227 -26.95 -1.33 14.19
C GLU A 227 -27.55 -1.89 12.90
N VAL A 228 -28.75 -1.43 12.53
CA VAL A 228 -29.41 -1.94 11.33
C VAL A 228 -28.72 -1.41 10.08
N VAL A 229 -28.54 -0.09 9.99
CA VAL A 229 -27.90 0.45 8.80
C VAL A 229 -26.40 0.19 8.81
N TRP A 230 -25.79 -0.01 9.99
CA TRP A 230 -24.34 -0.14 10.10
C TRP A 230 -23.98 -1.08 11.24
N PRO A 231 -24.02 -2.39 10.99
CA PRO A 231 -23.75 -3.36 12.05
C PRO A 231 -22.37 -3.16 12.65
N GLY A 232 -22.32 -3.08 13.98
CA GLY A 232 -21.10 -2.85 14.70
C GLY A 232 -20.82 -1.39 15.03
N VAL A 233 -21.64 -0.46 14.54
CA VAL A 233 -21.39 0.95 14.82
C VAL A 233 -21.42 1.22 16.32
N THR A 234 -22.31 0.56 17.05
CA THR A 234 -22.40 0.87 18.48
C THR A 234 -21.24 0.32 19.27
N SER A 235 -20.40 -0.53 18.66
CA SER A 235 -19.25 -1.10 19.35
C SER A 235 -17.95 -0.40 18.97
N MET A 236 -18.02 0.72 18.29
CA MET A 236 -16.80 1.34 17.81
C MET A 236 -16.21 2.29 18.87
N PRO A 237 -14.88 2.42 18.88
CA PRO A 237 -14.22 3.12 20.00
C PRO A 237 -14.78 4.49 20.30
N ASP A 238 -15.10 5.29 19.30
CA ASP A 238 -15.56 6.66 19.54
C ASP A 238 -17.08 6.79 19.50
N TYR A 239 -17.81 5.69 19.37
CA TYR A 239 -19.27 5.81 19.41
C TYR A 239 -19.71 6.07 20.84
N LYS A 240 -20.79 6.85 20.97
CA LYS A 240 -21.36 7.17 22.26
C LYS A 240 -22.87 7.04 22.14
N PRO A 241 -23.53 6.33 23.06
CA PRO A 241 -25.00 6.32 23.08
C PRO A 241 -25.62 7.70 23.26
N SER A 242 -24.83 8.68 23.70
CA SER A 242 -25.34 10.03 23.91
C SER A 242 -25.46 10.84 22.63
N PHE A 243 -24.96 10.32 21.49
CA PHE A 243 -25.10 11.06 20.24
C PHE A 243 -26.56 11.40 20.01
N PRO A 244 -26.87 12.60 19.54
CA PRO A 244 -28.26 12.93 19.21
C PRO A 244 -28.75 12.10 18.04
N LYS A 245 -30.05 11.81 18.05
CA LYS A 245 -30.72 11.10 16.96
C LYS A 245 -31.28 12.13 15.99
N TRP A 246 -30.67 12.23 14.81
CA TRP A 246 -31.20 13.02 13.71
C TRP A 246 -31.77 12.08 12.64
N ALA A 247 -32.71 12.61 11.87
CA ALA A 247 -33.36 11.88 10.81
C ALA A 247 -32.68 12.15 9.49
N ARG A 248 -32.54 11.12 8.67
CA ARG A 248 -31.92 11.28 7.36
C ARG A 248 -32.68 12.32 6.55
N GLN A 249 -31.96 13.15 5.82
CA GLN A 249 -32.57 14.18 5.01
C GLN A 249 -32.87 13.66 3.61
N ASP A 250 -33.99 14.10 3.04
CA ASP A 250 -34.32 13.77 1.65
C ASP A 250 -33.26 14.36 0.72
N PHE A 251 -32.69 13.49 -0.13
CA PHE A 251 -31.66 13.95 -1.04
C PHE A 251 -32.16 15.00 -2.03
N SER A 252 -33.48 15.10 -2.21
CA SER A 252 -34.04 16.23 -2.96
C SER A 252 -33.58 17.55 -2.36
N LYS A 253 -33.44 17.61 -1.04
CA LYS A 253 -32.97 18.83 -0.39
C LYS A 253 -31.46 18.90 -0.27
N VAL A 254 -30.75 17.77 -0.32
CA VAL A 254 -29.30 17.81 -0.18
C VAL A 254 -28.64 18.13 -1.51
N VAL A 255 -29.06 17.47 -2.58
CA VAL A 255 -28.51 17.71 -3.91
C VAL A 255 -29.66 18.00 -4.87
N PRO A 256 -30.28 19.19 -4.78
CA PRO A 256 -31.47 19.49 -5.60
C PRO A 256 -31.25 19.26 -7.08
N PRO A 257 -30.17 19.76 -7.69
CA PRO A 257 -30.05 19.62 -9.16
C PRO A 257 -29.97 18.18 -9.65
N LEU A 258 -29.67 17.22 -8.78
CA LEU A 258 -29.32 15.89 -9.24
C LEU A 258 -30.57 15.05 -9.49
N ASP A 259 -30.56 14.32 -10.61
CA ASP A 259 -31.68 13.50 -11.01
C ASP A 259 -31.70 12.21 -10.18
N GLU A 260 -32.63 11.31 -10.50
CA GLU A 260 -32.81 10.10 -9.69
C GLU A 260 -31.60 9.18 -9.77
N ASP A 261 -30.99 9.05 -10.95
CA ASP A 261 -29.82 8.20 -11.09
C ASP A 261 -28.68 8.71 -10.24
N GLY A 262 -28.44 10.03 -10.27
CA GLY A 262 -27.36 10.59 -9.49
C GLY A 262 -27.58 10.45 -8.01
N ARG A 263 -28.82 10.65 -7.56
CA ARG A 263 -29.14 10.51 -6.15
C ARG A 263 -28.88 9.08 -5.68
N SER A 264 -29.20 8.11 -6.53
CA SER A 264 -28.93 6.71 -6.20
C SER A 264 -27.44 6.44 -6.07
N LEU A 265 -26.65 6.92 -7.03
CA LEU A 265 -25.21 6.67 -6.98
C LEU A 265 -24.59 7.32 -5.75
N LEU A 266 -24.93 8.60 -5.51
CA LEU A 266 -24.43 9.32 -4.34
C LEU A 266 -24.80 8.63 -3.05
N SER A 267 -26.05 8.15 -2.92
CA SER A 267 -26.44 7.43 -1.72
C SER A 267 -25.53 6.23 -1.49
N GLN A 268 -25.23 5.49 -2.55
CA GLN A 268 -24.41 4.29 -2.40
C GLN A 268 -22.96 4.62 -2.09
N MET A 269 -22.45 5.78 -2.55
CA MET A 269 -21.10 6.19 -2.20
C MET A 269 -21.01 6.71 -0.77
N LEU A 270 -22.13 7.11 -0.18
CA LEU A 270 -22.15 7.62 1.19
C LEU A 270 -22.87 6.67 2.13
N HIS A 271 -22.95 5.38 1.77
CA HIS A 271 -23.43 4.37 2.68
C HIS A 271 -22.54 4.34 3.92
N TYR A 272 -23.18 4.24 5.09
CA TYR A 272 -22.44 4.26 6.36
C TYR A 272 -21.52 3.06 6.48
N ASP A 273 -22.05 1.88 6.24
CA ASP A 273 -21.35 0.61 6.39
C ASP A 273 -20.26 0.50 5.34
N PRO A 274 -18.98 0.53 5.71
CA PRO A 274 -17.92 0.41 4.70
C PRO A 274 -18.01 -0.87 3.89
N ASN A 275 -18.55 -1.95 4.47
CA ASN A 275 -18.73 -3.20 3.73
C ASN A 275 -19.80 -3.11 2.66
N LYS A 276 -20.72 -2.15 2.75
CA LYS A 276 -21.78 -2.08 1.76
C LYS A 276 -21.62 -0.89 0.84
N ARG A 277 -20.75 0.06 1.17
CA ARG A 277 -20.54 1.22 0.33
C ARG A 277 -20.04 0.78 -1.04
N ILE A 278 -20.55 1.41 -2.10
CA ILE A 278 -20.34 0.88 -3.45
C ILE A 278 -18.84 0.92 -3.78
N SER A 279 -18.37 -0.07 -4.54
CA SER A 279 -16.97 0.01 -4.96
C SER A 279 -16.81 0.95 -6.16
N ALA A 280 -15.56 1.33 -6.44
CA ALA A 280 -15.33 2.16 -7.62
C ALA A 280 -15.71 1.41 -8.89
N LYS A 281 -15.32 0.15 -8.99
CA LYS A 281 -15.67 -0.65 -10.17
C LYS A 281 -17.19 -0.75 -10.33
N ALA A 282 -17.91 -1.05 -9.25
CA ALA A 282 -19.36 -1.13 -9.36
C ALA A 282 -19.97 0.22 -9.72
N ALA A 283 -19.42 1.30 -9.16
CA ALA A 283 -19.98 2.62 -9.48
C ALA A 283 -19.88 2.91 -10.96
N LEU A 284 -18.82 2.45 -11.64
CA LEU A 284 -18.71 2.65 -13.07
C LEU A 284 -19.84 1.97 -13.83
N ALA A 285 -20.41 0.91 -13.27
CA ALA A 285 -21.52 0.21 -13.91
C ALA A 285 -22.88 0.81 -13.57
N HIS A 286 -22.92 1.84 -12.73
CA HIS A 286 -24.19 2.43 -12.31
C HIS A 286 -24.92 3.10 -13.48
N PRO A 287 -26.25 3.04 -13.52
CA PRO A 287 -27.01 3.68 -14.61
C PRO A 287 -26.74 5.17 -14.77
N PHE A 288 -26.20 5.85 -13.77
CA PHE A 288 -25.88 7.27 -13.94
C PHE A 288 -24.95 7.49 -15.13
N PHE A 289 -24.13 6.50 -15.45
CA PHE A 289 -23.15 6.55 -16.54
C PHE A 289 -23.57 5.73 -17.75
N GLN A 290 -24.80 5.18 -17.76
CA GLN A 290 -25.20 4.27 -18.83
C GLN A 290 -25.06 4.91 -20.21
N ASP A 291 -25.20 6.23 -20.29
CA ASP A 291 -25.01 6.93 -21.55
C ASP A 291 -23.55 7.05 -21.91
N VAL A 292 -22.68 7.22 -20.91
CA VAL A 292 -21.26 7.46 -21.17
C VAL A 292 -20.55 6.17 -21.57
N THR A 293 -20.86 5.07 -20.91
CA THR A 293 -20.11 3.83 -21.08
C THR A 293 -20.97 2.74 -21.71
N LYS A 294 -20.28 1.69 -22.16
CA LYS A 294 -20.91 0.48 -22.67
C LYS A 294 -20.15 -0.68 -22.05
N PRO A 295 -20.83 -1.60 -21.36
CA PRO A 295 -20.11 -2.72 -20.74
C PRO A 295 -19.46 -3.62 -21.79
N VAL A 296 -18.55 -4.47 -21.31
CA VAL A 296 -17.85 -5.40 -22.18
C VAL A 296 -18.45 -6.78 -21.96
N PRO A 297 -18.44 -7.66 -22.95
CA PRO A 297 -19.01 -9.00 -22.75
C PRO A 297 -18.21 -9.77 -21.72
N HIS A 298 -18.92 -10.43 -20.81
CA HIS A 298 -18.31 -11.13 -19.69
C HIS A 298 -18.24 -12.62 -19.99
N LEU A 299 -17.06 -13.20 -19.74
CA LEU A 299 -16.82 -14.62 -20.00
C LEU A 299 -17.28 -15.42 -18.78
N ARG A 300 -18.43 -16.07 -18.90
CA ARG A 300 -19.01 -16.84 -17.80
C ARG A 300 -18.32 -18.21 -17.71
N LEU A 301 -17.06 -18.18 -17.30
CA LEU A 301 -16.25 -19.39 -17.19
C LEU A 301 -15.54 -19.47 -15.85
N GLY B 9 -4.03 -20.79 -11.90
CA GLY B 9 -5.32 -20.81 -11.22
C GLY B 9 -5.41 -19.77 -10.13
N SER B 10 -6.62 -19.24 -9.86
CA SER B 10 -6.80 -18.17 -8.89
C SER B 10 -7.62 -18.63 -7.70
N PRO B 11 -7.11 -18.45 -6.47
CA PRO B 11 -7.85 -18.86 -5.27
C PRO B 11 -8.65 -17.76 -4.57
N LEU B 12 -8.60 -16.52 -5.06
CA LEU B 12 -9.37 -15.46 -4.41
C LEU B 12 -10.86 -15.67 -4.63
N PRO B 13 -11.68 -15.30 -3.64
CA PRO B 13 -13.14 -15.27 -3.84
C PRO B 13 -13.53 -14.05 -4.68
N VAL B 14 -14.83 -13.97 -5.00
CA VAL B 14 -15.34 -12.78 -5.66
C VAL B 14 -15.15 -11.57 -4.75
N LEU B 15 -14.67 -10.47 -5.32
CA LEU B 15 -14.32 -9.29 -4.55
C LEU B 15 -15.30 -8.16 -4.86
N SER B 16 -15.86 -7.57 -3.80
CA SER B 16 -16.78 -6.45 -3.99
C SER B 16 -16.06 -5.25 -4.59
N TRP B 17 -14.79 -5.06 -4.24
CA TRP B 17 -14.05 -3.85 -4.60
C TRP B 17 -13.29 -3.94 -5.93
N ALA B 18 -13.19 -5.11 -6.54
CA ALA B 18 -12.54 -5.20 -7.85
C ALA B 18 -12.79 -6.58 -8.45
N ASN B 19 -12.47 -6.71 -9.74
CA ASN B 19 -12.55 -8.01 -10.40
C ASN B 19 -11.48 -8.93 -9.80
N ARG B 20 -11.92 -10.06 -9.24
CA ARG B 20 -11.00 -10.96 -8.56
C ARG B 20 -9.88 -11.42 -9.48
N GLU B 21 -10.19 -11.75 -10.73
CA GLU B 21 -9.15 -12.16 -11.65
C GLU B 21 -8.24 -11.00 -12.04
N GLU B 22 -8.76 -9.77 -12.00
CA GLU B 22 -7.92 -8.60 -12.22
C GLU B 22 -6.89 -8.45 -11.09
N VAL B 23 -7.37 -8.46 -9.84
CA VAL B 23 -6.47 -8.27 -8.69
C VAL B 23 -5.41 -9.35 -8.68
N TRP B 24 -5.82 -10.60 -8.88
CA TRP B 24 -4.89 -11.72 -8.88
C TRP B 24 -3.86 -11.57 -9.99
N LYS B 25 -4.30 -11.28 -11.22
CA LYS B 25 -3.36 -11.16 -12.33
C LYS B 25 -2.32 -10.09 -12.05
N ILE B 26 -2.74 -8.94 -11.51
CA ILE B 26 -1.78 -7.88 -11.19
C ILE B 26 -0.77 -8.37 -10.16
N MET B 27 -1.26 -9.06 -9.12
CA MET B 27 -0.36 -9.69 -8.16
C MET B 27 0.61 -10.64 -8.86
N LEU B 28 0.09 -11.47 -9.78
CA LEU B 28 0.94 -12.41 -10.49
C LEU B 28 1.89 -11.69 -11.44
N ASN B 29 1.40 -10.69 -12.18
CA ASN B 29 2.27 -9.95 -13.10
C ASN B 29 3.39 -9.25 -12.35
N LYS B 30 3.12 -8.82 -11.12
CA LYS B 30 4.13 -8.13 -10.34
C LYS B 30 5.33 -9.04 -10.08
N GLU B 31 5.06 -10.29 -9.73
CA GLU B 31 6.10 -11.27 -9.46
C GLU B 31 6.95 -11.60 -10.68
N LYS B 32 6.56 -11.13 -11.87
CA LYS B 32 7.41 -11.25 -13.05
C LYS B 32 8.22 -9.99 -13.31
N THR B 33 7.83 -8.87 -12.70
CA THR B 33 8.63 -7.65 -12.73
C THR B 33 9.76 -7.69 -11.70
N TYR B 34 9.59 -8.46 -10.64
CA TYR B 34 10.55 -8.53 -9.54
C TYR B 34 11.35 -9.82 -9.72
N LEU B 35 12.55 -9.69 -10.25
CA LEU B 35 13.40 -10.83 -10.59
C LEU B 35 14.23 -11.27 -9.40
N ARG B 36 14.52 -12.57 -9.35
CA ARG B 36 15.44 -13.13 -8.36
C ARG B 36 16.44 -14.03 -9.06
N ASP B 37 17.65 -14.07 -8.49
CA ASP B 37 18.77 -14.83 -9.05
C ASP B 37 19.37 -15.65 -7.92
N GLN B 38 19.09 -16.96 -7.90
CA GLN B 38 19.62 -17.78 -6.82
C GLN B 38 21.13 -17.87 -6.85
N HIS B 39 21.78 -17.46 -7.93
CA HIS B 39 23.23 -17.55 -8.06
C HIS B 39 23.91 -16.19 -8.06
N PHE B 40 23.26 -15.15 -7.54
CA PHE B 40 23.84 -13.82 -7.68
C PHE B 40 25.18 -13.68 -6.96
N LEU B 41 25.44 -14.52 -5.96
CA LEU B 41 26.70 -14.46 -5.24
C LEU B 41 27.90 -14.84 -6.10
N GLU B 42 27.68 -15.47 -7.27
CA GLU B 42 28.78 -15.65 -8.20
C GLU B 42 29.25 -14.33 -8.81
N GLN B 43 28.43 -13.28 -8.73
CA GLN B 43 28.89 -11.94 -9.13
C GLN B 43 29.86 -11.35 -8.12
N HIS B 44 30.00 -11.97 -6.95
CA HIS B 44 30.82 -11.46 -5.85
C HIS B 44 31.68 -12.61 -5.37
N PRO B 45 32.74 -12.97 -6.11
CA PRO B 45 33.49 -14.19 -5.78
C PRO B 45 34.08 -14.21 -4.38
N LEU B 46 34.23 -13.06 -3.73
CA LEU B 46 34.79 -13.01 -2.39
C LEU B 46 33.78 -13.36 -1.30
N LEU B 47 32.50 -13.53 -1.65
CA LEU B 47 31.45 -13.86 -0.69
C LEU B 47 31.08 -15.33 -0.78
N GLN B 48 30.55 -15.85 0.33
CA GLN B 48 30.02 -17.19 0.44
C GLN B 48 28.56 -17.14 0.88
N PRO B 49 27.77 -18.18 0.59
CA PRO B 49 26.35 -18.13 0.95
C PRO B 49 26.08 -18.02 2.45
N LYS B 50 26.94 -18.61 3.29
CA LYS B 50 26.74 -18.52 4.74
C LYS B 50 26.76 -17.08 5.23
N MET B 51 27.56 -16.23 4.60
CA MET B 51 27.58 -14.82 4.99
C MET B 51 26.20 -14.19 4.84
N ARG B 52 25.51 -14.50 3.74
CA ARG B 52 24.15 -13.99 3.55
C ARG B 52 23.21 -14.52 4.64
N ALA B 53 23.36 -15.79 5.00
CA ALA B 53 22.52 -16.36 6.06
C ALA B 53 22.76 -15.65 7.40
N ILE B 54 24.02 -15.38 7.72
CA ILE B 54 24.38 -14.72 8.97
C ILE B 54 23.83 -13.29 8.98
N LEU B 55 23.98 -12.59 7.87
CA LEU B 55 23.44 -11.23 7.77
C LEU B 55 21.92 -11.23 7.94
N LEU B 56 21.23 -12.12 7.22
CA LEU B 56 19.77 -12.11 7.30
C LEU B 56 19.30 -12.47 8.70
N ASP B 57 19.93 -13.48 9.31
CA ASP B 57 19.61 -13.83 10.69
C ASP B 57 19.79 -12.64 11.62
N TRP B 58 20.87 -11.88 11.43
CA TRP B 58 21.09 -10.70 12.26
C TRP B 58 19.98 -9.68 12.09
N LEU B 59 19.58 -9.41 10.83
CA LEU B 59 18.46 -8.51 10.61
C LEU B 59 17.19 -8.98 11.29
N MET B 60 16.99 -10.30 11.36
CA MET B 60 15.83 -10.83 12.08
C MET B 60 15.89 -10.48 13.55
N GLU B 61 17.06 -10.64 14.17
CA GLU B 61 17.20 -10.26 15.57
C GLU B 61 16.92 -8.76 15.74
N VAL B 62 17.47 -7.94 14.85
CA VAL B 62 17.24 -6.51 14.90
C VAL B 62 15.75 -6.21 14.85
N CYS B 63 15.03 -6.88 13.95
CA CYS B 63 13.59 -6.61 13.82
C CYS B 63 12.86 -6.90 15.12
N GLU B 64 13.20 -8.00 15.77
CA GLU B 64 12.51 -8.36 17.01
C GLU B 64 12.79 -7.32 18.10
N VAL B 65 14.04 -6.93 18.25
CA VAL B 65 14.40 -5.92 19.25
C VAL B 65 13.56 -4.66 19.08
N TYR B 66 13.35 -4.22 17.85
CA TYR B 66 12.55 -3.03 17.61
C TYR B 66 11.10 -3.34 17.26
N LYS B 67 10.68 -4.60 17.40
CA LYS B 67 9.28 -4.99 17.19
C LYS B 67 8.82 -4.65 15.78
N LEU B 68 9.70 -4.85 14.80
CA LEU B 68 9.36 -4.59 13.40
C LEU B 68 8.53 -5.73 12.84
N HIS B 69 7.66 -5.39 11.89
CA HIS B 69 6.79 -6.39 11.28
C HIS B 69 7.61 -7.35 10.42
N ARG B 70 7.12 -8.59 10.34
CA ARG B 70 7.74 -9.57 9.45
C ARG B 70 7.83 -9.04 8.05
N GLU B 71 6.79 -8.31 7.60
CA GLU B 71 6.82 -7.71 6.28
C GLU B 71 8.05 -6.83 6.11
N THR B 72 8.41 -6.09 7.16
CA THR B 72 9.60 -5.23 7.10
C THR B 72 10.86 -6.05 6.92
N PHE B 73 10.98 -7.17 7.63
CA PHE B 73 12.15 -8.02 7.44
C PHE B 73 12.23 -8.52 6.00
N TYR B 74 11.11 -9.02 5.47
CA TYR B 74 11.16 -9.63 4.15
C TYR B 74 11.36 -8.60 3.04
N LEU B 75 10.87 -7.37 3.22
CA LEU B 75 11.25 -6.32 2.29
C LEU B 75 12.75 -6.11 2.30
N ALA B 76 13.35 -6.01 3.49
CA ALA B 76 14.79 -5.85 3.59
C ALA B 76 15.52 -6.99 2.91
N GLN B 77 15.07 -8.23 3.16
CA GLN B 77 15.66 -9.38 2.49
C GLN B 77 15.56 -9.24 0.98
N ASP B 78 14.40 -8.80 0.48
CA ASP B 78 14.21 -8.69 -0.95
C ASP B 78 15.05 -7.56 -1.55
N PHE B 79 15.16 -6.43 -0.84
CA PHE B 79 15.98 -5.33 -1.35
C PHE B 79 17.44 -5.73 -1.41
N PHE B 80 17.91 -6.46 -0.41
CA PHE B 80 19.29 -6.93 -0.37
C PHE B 80 19.60 -7.87 -1.53
N ASP B 81 18.76 -8.90 -1.73
CA ASP B 81 19.03 -9.87 -2.78
C ASP B 81 18.93 -9.25 -4.16
N ARG B 82 17.95 -8.36 -4.38
CA ARG B 82 17.85 -7.74 -5.69
C ARG B 82 18.98 -6.72 -5.90
N TYR B 83 19.39 -6.03 -4.84
CA TYR B 83 20.47 -5.07 -5.00
C TYR B 83 21.79 -5.75 -5.32
N MET B 84 22.08 -6.84 -4.59
CA MET B 84 23.32 -7.59 -4.83
C MET B 84 23.39 -8.10 -6.26
N ALA B 85 22.25 -8.49 -6.82
CA ALA B 85 22.22 -8.98 -8.19
C ALA B 85 22.54 -7.88 -9.20
N THR B 86 22.40 -6.60 -8.82
CA THR B 86 22.84 -5.50 -9.67
C THR B 86 24.29 -5.11 -9.47
N GLN B 87 24.94 -5.61 -8.42
CA GLN B 87 26.31 -5.17 -8.11
C GLN B 87 27.30 -6.28 -8.44
N GLU B 88 28.57 -5.98 -8.21
CA GLU B 88 29.68 -6.91 -8.45
C GLU B 88 30.77 -6.69 -7.41
N ASN B 89 31.43 -7.78 -7.02
CA ASN B 89 32.69 -7.73 -6.28
C ASN B 89 32.56 -7.03 -4.93
N VAL B 90 31.48 -7.31 -4.21
CA VAL B 90 31.32 -6.73 -2.87
C VAL B 90 32.13 -7.57 -1.89
N VAL B 91 32.73 -6.90 -0.90
CA VAL B 91 33.48 -7.58 0.13
C VAL B 91 32.63 -7.69 1.39
N LYS B 92 33.04 -8.59 2.29
CA LYS B 92 32.19 -8.97 3.42
C LYS B 92 31.97 -7.82 4.40
N THR B 93 32.98 -6.96 4.59
CA THR B 93 32.86 -5.84 5.51
C THR B 93 31.84 -4.81 5.06
N LEU B 94 31.38 -4.87 3.81
CA LEU B 94 30.34 -3.98 3.29
C LEU B 94 28.94 -4.53 3.52
N LEU B 95 28.83 -5.78 3.96
CA LEU B 95 27.52 -6.43 4.04
C LEU B 95 26.64 -5.82 5.11
N GLN B 96 27.20 -5.54 6.29
CA GLN B 96 26.39 -4.96 7.35
C GLN B 96 25.76 -3.64 6.91
N LEU B 97 26.48 -2.87 6.09
CA LEU B 97 25.96 -1.57 5.66
C LEU B 97 24.80 -1.74 4.68
N ILE B 98 24.95 -2.65 3.71
CA ILE B 98 23.89 -2.89 2.73
C ILE B 98 22.65 -3.47 3.41
N GLY B 99 22.83 -4.42 4.32
CA GLY B 99 21.70 -4.99 5.03
C GLY B 99 20.94 -3.96 5.86
N ILE B 100 21.64 -3.26 6.74
CA ILE B 100 20.95 -2.32 7.64
C ILE B 100 20.29 -1.18 6.86
N SER B 101 20.91 -0.73 5.75
CA SER B 101 20.25 0.26 4.91
C SER B 101 19.03 -0.33 4.22
N SER B 102 19.10 -1.59 3.82
CA SER B 102 17.90 -2.25 3.30
C SER B 102 16.80 -2.25 4.34
N LEU B 103 17.14 -2.50 5.60
CA LEU B 103 16.13 -2.53 6.65
C LEU B 103 15.62 -1.12 6.95
N PHE B 104 16.49 -0.12 6.77
CA PHE B 104 16.07 1.26 6.99
C PHE B 104 15.00 1.66 5.98
N ILE B 105 15.28 1.42 4.69
CA ILE B 105 14.27 1.66 3.65
C ILE B 105 13.00 0.91 3.98
N ALA B 106 13.12 -0.37 4.35
CA ALA B 106 11.94 -1.20 4.59
C ALA B 106 11.10 -0.66 5.74
N ALA B 107 11.75 -0.30 6.85
CA ALA B 107 11.02 0.22 8.01
C ALA B 107 10.29 1.51 7.66
N LYS B 108 10.95 2.40 6.89
CA LYS B 108 10.30 3.64 6.49
C LYS B 108 9.11 3.37 5.58
N LEU B 109 9.16 2.30 4.78
CA LEU B 109 8.02 1.96 3.93
C LEU B 109 6.85 1.42 4.73
N GLU B 110 7.13 0.60 5.75
CA GLU B 110 6.10 -0.29 6.30
C GLU B 110 5.53 0.16 7.65
N GLU B 111 6.37 0.66 8.56
CA GLU B 111 5.94 0.96 9.92
C GLU B 111 5.20 2.30 10.00
N ILE B 112 4.25 2.37 10.93
CA ILE B 112 3.59 3.64 11.21
C ILE B 112 4.58 4.61 11.82
N TYR B 113 5.28 4.19 12.89
CA TYR B 113 6.31 5.00 13.55
C TYR B 113 7.63 4.22 13.49
N PRO B 114 8.39 4.37 12.41
CA PRO B 114 9.66 3.62 12.27
C PRO B 114 10.66 4.04 13.32
N PRO B 115 11.68 3.23 13.57
CA PRO B 115 12.82 3.71 14.35
C PRO B 115 13.56 4.82 13.63
N LYS B 116 14.24 5.66 14.40
CA LYS B 116 14.97 6.78 13.83
C LYS B 116 16.31 6.32 13.27
N LEU B 117 16.89 7.16 12.41
CA LEU B 117 18.15 6.84 11.75
C LEU B 117 19.23 6.45 12.75
N HIS B 118 19.43 7.27 13.78
CA HIS B 118 20.50 6.97 14.73
C HIS B 118 20.29 5.62 15.42
N GLN B 119 19.02 5.18 15.56
CA GLN B 119 18.79 3.85 16.12
C GLN B 119 19.31 2.76 15.19
N PHE B 120 19.13 2.93 13.88
CA PHE B 120 19.73 1.99 12.94
C PHE B 120 21.25 2.05 13.00
N ALA B 121 21.81 3.26 13.15
CA ALA B 121 23.25 3.37 13.39
C ALA B 121 23.63 2.72 14.72
N TYR B 122 22.78 2.89 15.74
CA TYR B 122 23.11 2.40 17.07
C TYR B 122 23.31 0.87 17.09
N VAL B 123 22.46 0.11 16.38
CA VAL B 123 22.54 -1.35 16.52
C VAL B 123 23.71 -1.97 15.78
N THR B 124 24.39 -1.23 14.91
CA THR B 124 25.59 -1.73 14.27
C THR B 124 26.82 -1.69 15.17
N ASP B 125 26.67 -1.24 16.42
CA ASP B 125 27.80 -1.07 17.32
C ASP B 125 28.85 -0.15 16.70
N GLY B 126 28.39 0.87 15.99
CA GLY B 126 29.29 1.87 15.44
C GLY B 126 30.08 1.45 14.23
N ALA B 127 29.79 0.28 13.63
CA ALA B 127 30.39 -0.08 12.37
C ALA B 127 29.77 0.67 11.19
N CYS B 128 28.61 1.29 11.38
CA CYS B 128 27.94 2.05 10.33
C CYS B 128 27.42 3.36 10.92
N SER B 129 27.85 4.47 10.33
CA SER B 129 27.39 5.78 10.75
C SER B 129 26.07 6.10 10.08
N GLY B 130 25.35 7.07 10.66
CA GLY B 130 24.13 7.53 10.02
C GLY B 130 24.38 8.03 8.62
N ASP B 131 25.50 8.73 8.43
CA ASP B 131 25.86 9.27 7.12
C ASP B 131 26.09 8.18 6.09
N GLU B 132 26.79 7.10 6.49
CA GLU B 132 26.98 5.98 5.57
C GLU B 132 25.65 5.33 5.20
N ILE B 133 24.72 5.27 6.16
CA ILE B 133 23.43 4.62 5.89
C ILE B 133 22.63 5.42 4.89
N LEU B 134 22.63 6.75 5.03
CA LEU B 134 21.94 7.61 4.07
C LEU B 134 22.55 7.49 2.68
N THR B 135 23.89 7.41 2.60
CA THR B 135 24.50 7.18 1.30
C THR B 135 24.06 5.85 0.70
N MET B 136 24.01 4.80 1.53
CA MET B 136 23.70 3.47 1.02
C MET B 136 22.24 3.32 0.62
N GLU B 137 21.33 4.01 1.30
CA GLU B 137 19.92 3.87 0.96
C GLU B 137 19.65 4.45 -0.42
N LEU B 138 20.33 5.55 -0.76
CA LEU B 138 20.17 6.14 -2.08
C LEU B 138 20.77 5.26 -3.16
N MET B 139 21.91 4.63 -2.89
CA MET B 139 22.51 3.72 -3.85
C MET B 139 21.60 2.53 -4.10
N ILE B 140 21.01 1.97 -3.03
CA ILE B 140 20.12 0.83 -3.19
C ILE B 140 18.90 1.23 -3.99
N MET B 141 18.22 2.30 -3.57
CA MET B 141 16.96 2.65 -4.20
C MET B 141 17.14 3.03 -5.67
N LYS B 142 18.26 3.70 -5.98
CA LYS B 142 18.57 4.00 -7.38
C LYS B 142 18.90 2.74 -8.16
N ALA B 143 19.70 1.83 -7.59
CA ALA B 143 20.01 0.59 -8.28
C ALA B 143 18.76 -0.27 -8.47
N LEU B 144 17.81 -0.18 -7.57
CA LEU B 144 16.59 -0.96 -7.73
C LEU B 144 15.57 -0.28 -8.64
N LYS B 145 15.94 0.84 -9.27
CA LYS B 145 15.01 1.61 -10.11
C LYS B 145 13.78 2.02 -9.33
N TRP B 146 13.95 2.21 -8.02
CA TRP B 146 12.88 2.59 -7.11
C TRP B 146 11.73 1.59 -7.14
N ARG B 147 12.01 0.33 -7.48
CA ARG B 147 11.01 -0.74 -7.46
C ARG B 147 11.05 -1.36 -6.07
N LEU B 148 10.27 -0.78 -5.16
CA LEU B 148 10.38 -1.12 -3.75
C LEU B 148 9.10 -1.75 -3.20
N SER B 149 8.24 -2.30 -4.07
CA SER B 149 6.95 -2.87 -3.66
C SER B 149 6.81 -4.33 -4.07
N PRO B 150 7.75 -5.19 -3.72
CA PRO B 150 7.59 -6.60 -4.05
C PRO B 150 6.44 -7.22 -3.28
N LEU B 151 6.00 -8.39 -3.74
CA LEU B 151 5.18 -9.27 -2.92
C LEU B 151 6.15 -10.19 -2.18
N THR B 152 6.28 -9.97 -0.87
CA THR B 152 7.25 -10.71 -0.08
C THR B 152 6.80 -12.14 0.11
N ILE B 153 7.75 -12.97 0.53
CA ILE B 153 7.44 -14.33 0.96
C ILE B 153 6.33 -14.31 2.01
N VAL B 154 6.44 -13.41 3.00
CA VAL B 154 5.47 -13.44 4.10
C VAL B 154 4.13 -12.87 3.65
N SER B 155 4.11 -11.95 2.69
CA SER B 155 2.82 -11.44 2.21
C SER B 155 2.00 -12.56 1.59
N TRP B 156 2.64 -13.47 0.86
CA TRP B 156 1.91 -14.61 0.30
C TRP B 156 1.31 -15.47 1.39
N LEU B 157 2.09 -15.77 2.44
CA LEU B 157 1.54 -16.57 3.53
C LEU B 157 0.34 -15.87 4.16
N ASN B 158 0.36 -14.54 4.20
CA ASN B 158 -0.78 -13.80 4.71
C ASN B 158 -2.02 -14.07 3.86
N VAL B 159 -1.89 -13.94 2.54
CA VAL B 159 -3.01 -14.22 1.63
C VAL B 159 -3.51 -15.65 1.81
N TYR B 160 -2.59 -16.60 1.93
CA TYR B 160 -3.00 -17.98 2.01
C TYR B 160 -3.78 -18.25 3.28
N MET B 161 -3.41 -17.61 4.38
CA MET B 161 -4.06 -17.90 5.66
C MET B 161 -5.48 -17.34 5.70
N GLN B 162 -5.72 -16.20 5.07
CA GLN B 162 -7.07 -15.66 4.98
C GLN B 162 -7.98 -16.59 4.18
N VAL B 163 -7.56 -16.92 2.96
CA VAL B 163 -8.37 -17.75 2.08
C VAL B 163 -8.72 -19.08 2.74
N ALA B 164 -7.77 -19.66 3.49
CA ALA B 164 -8.04 -20.92 4.17
C ALA B 164 -9.16 -20.78 5.20
N TYR B 165 -9.24 -19.61 5.84
CA TYR B 165 -10.21 -19.32 6.87
C TYR B 165 -11.24 -18.31 6.35
N LEU B 166 -11.80 -18.60 5.20
CA LEU B 166 -12.87 -17.78 4.65
C LEU B 166 -14.20 -18.34 5.07
N ASN B 167 -15.11 -17.44 5.43
CA ASN B 167 -16.48 -17.79 5.74
C ASN B 167 -17.31 -17.76 4.46
N ASP B 168 -18.62 -17.93 4.59
CA ASP B 168 -19.51 -17.73 3.45
C ASP B 168 -19.61 -16.26 3.04
N LEU B 169 -19.14 -15.35 3.89
CA LEU B 169 -19.13 -13.93 3.55
C LEU B 169 -18.09 -13.61 2.48
N HIS B 170 -17.04 -14.45 2.36
CA HIS B 170 -15.95 -14.25 1.39
C HIS B 170 -15.27 -12.89 1.57
N GLU B 171 -15.30 -12.35 2.79
CA GLU B 171 -14.60 -11.10 3.11
C GLU B 171 -13.11 -11.38 3.22
N VAL B 172 -12.33 -10.85 2.27
CA VAL B 172 -10.92 -11.19 2.17
C VAL B 172 -9.99 -10.14 2.76
N LEU B 173 -10.51 -8.96 3.11
CA LEU B 173 -9.64 -7.87 3.55
C LEU B 173 -9.52 -7.74 5.07
N LEU B 174 -10.54 -8.18 5.83
CA LEU B 174 -10.45 -8.11 7.28
C LEU B 174 -9.81 -9.39 7.81
N PRO B 175 -8.66 -9.32 8.49
CA PRO B 175 -7.91 -10.54 8.82
C PRO B 175 -8.67 -11.45 9.78
N GLN B 176 -8.55 -12.76 9.53
CA GLN B 176 -9.26 -13.75 10.36
C GLN B 176 -8.59 -15.11 10.13
N TYR B 177 -7.75 -15.53 11.07
CA TYR B 177 -7.08 -16.83 11.05
C TYR B 177 -6.29 -17.00 12.36
N PRO B 178 -5.95 -18.24 12.75
CA PRO B 178 -5.20 -18.46 13.98
C PRO B 178 -3.77 -17.94 13.91
N GLN B 179 -3.44 -17.10 14.88
CA GLN B 179 -2.09 -16.54 14.95
C GLN B 179 -1.05 -17.62 15.16
N GLN B 180 -1.38 -18.69 15.87
CA GLN B 180 -0.35 -19.63 16.26
C GLN B 180 0.11 -20.51 15.10
N ILE B 181 -0.78 -20.85 14.18
CA ILE B 181 -0.29 -21.65 13.06
C ILE B 181 0.42 -20.75 12.06
N PHE B 182 0.01 -19.48 11.94
CA PHE B 182 0.70 -18.54 11.08
C PHE B 182 2.17 -18.44 11.47
N ILE B 183 2.46 -18.30 12.76
CA ILE B 183 3.85 -18.12 13.17
C ILE B 183 4.62 -19.41 12.97
N GLN B 184 3.97 -20.56 13.16
CA GLN B 184 4.66 -21.82 12.95
C GLN B 184 5.10 -21.97 11.50
N ILE B 185 4.22 -21.60 10.56
CA ILE B 185 4.60 -21.66 9.15
C ILE B 185 5.67 -20.62 8.84
N ALA B 186 5.50 -19.40 9.37
CA ALA B 186 6.51 -18.37 9.15
C ALA B 186 7.89 -18.81 9.63
N GLU B 187 7.93 -19.60 10.69
CA GLU B 187 9.19 -20.10 11.21
C GLU B 187 9.90 -20.98 10.19
N LEU B 188 9.15 -21.83 9.48
CA LEU B 188 9.78 -22.62 8.42
C LEU B 188 10.30 -21.71 7.31
N LEU B 189 9.52 -20.69 6.95
CA LEU B 189 9.97 -19.78 5.92
C LEU B 189 11.19 -18.98 6.38
N ASP B 190 11.22 -18.55 7.65
CA ASP B 190 12.38 -17.80 8.13
C ASP B 190 13.65 -18.65 8.06
N LEU B 191 13.55 -19.92 8.40
CA LEU B 191 14.70 -20.81 8.20
C LEU B 191 15.07 -20.89 6.73
N CYS B 192 14.07 -21.13 5.87
CA CYS B 192 14.32 -21.38 4.45
C CYS B 192 14.94 -20.18 3.75
N VAL B 193 14.60 -18.96 4.18
CA VAL B 193 15.10 -17.79 3.48
C VAL B 193 16.59 -17.60 3.73
N LEU B 194 17.14 -18.24 4.76
CA LEU B 194 18.57 -18.16 5.01
C LEU B 194 19.40 -18.84 3.94
N ASP B 195 18.82 -19.82 3.24
CA ASP B 195 19.54 -20.54 2.20
C ASP B 195 19.25 -19.87 0.86
N VAL B 196 20.32 -19.45 0.17
CA VAL B 196 20.17 -18.69 -1.08
C VAL B 196 19.50 -19.49 -2.16
N ASP B 197 19.57 -20.82 -2.11
CA ASP B 197 18.89 -21.65 -3.08
C ASP B 197 17.38 -21.48 -3.03
N CYS B 198 16.83 -20.85 -1.98
CA CYS B 198 15.39 -20.61 -1.96
C CYS B 198 14.94 -19.74 -3.13
N LEU B 199 15.84 -18.89 -3.64
CA LEU B 199 15.48 -17.94 -4.69
C LEU B 199 15.17 -18.63 -6.02
N GLU B 200 15.58 -19.88 -6.18
CA GLU B 200 15.16 -20.66 -7.33
C GLU B 200 13.63 -20.64 -7.49
N PHE B 201 12.91 -20.55 -6.37
CA PHE B 201 11.46 -20.67 -6.43
C PHE B 201 10.79 -19.33 -6.25
N PRO B 202 9.75 -19.04 -7.03
CA PRO B 202 8.96 -17.82 -6.78
C PRO B 202 8.51 -17.74 -5.33
N TYR B 203 8.39 -16.50 -4.84
CA TYR B 203 8.05 -16.29 -3.43
C TYR B 203 6.71 -16.91 -3.08
N GLY B 204 5.72 -16.80 -3.97
CA GLY B 204 4.44 -17.46 -3.75
C GLY B 204 4.53 -18.97 -3.73
N ILE B 205 5.48 -19.55 -4.47
CA ILE B 205 5.67 -21.00 -4.43
C ILE B 205 6.32 -21.42 -3.11
N LEU B 206 7.34 -20.66 -2.69
CA LEU B 206 7.97 -20.90 -1.39
C LEU B 206 6.94 -20.90 -0.26
N ALA B 207 6.06 -19.90 -0.24
CA ALA B 207 5.08 -19.81 0.83
C ALA B 207 4.08 -20.95 0.78
N ALA B 208 3.61 -21.30 -0.42
CA ALA B 208 2.66 -22.40 -0.54
C ALA B 208 3.30 -23.72 -0.13
N SER B 209 4.58 -23.92 -0.45
CA SER B 209 5.23 -25.17 -0.08
C SER B 209 5.42 -25.27 1.42
N ALA B 210 5.67 -24.14 2.10
CA ALA B 210 5.71 -24.17 3.55
C ALA B 210 4.34 -24.51 4.13
N LEU B 211 3.28 -23.93 3.58
CA LEU B 211 1.94 -24.21 4.07
C LEU B 211 1.59 -25.68 3.86
N TYR B 212 1.94 -26.23 2.70
CA TYR B 212 1.69 -27.65 2.48
C TYR B 212 2.31 -28.50 3.58
N HIS B 213 3.55 -28.19 3.98
CA HIS B 213 4.21 -28.99 5.01
C HIS B 213 3.47 -28.95 6.33
N PHE B 214 2.70 -27.90 6.59
CA PHE B 214 1.88 -27.84 7.78
C PHE B 214 0.42 -28.19 7.53
N SER B 215 0.09 -28.68 6.33
CA SER B 215 -1.26 -29.16 6.06
C SER B 215 -1.27 -30.22 4.97
N SER B 216 -1.69 -29.85 3.77
CA SER B 216 -1.96 -30.83 2.72
C SER B 216 -2.04 -30.12 1.36
N SER B 217 -1.90 -30.93 0.30
CA SER B 217 -1.97 -30.40 -1.06
C SER B 217 -3.36 -29.87 -1.39
N GLU B 218 -4.41 -30.50 -0.86
CA GLU B 218 -5.76 -30.01 -1.10
C GLU B 218 -5.94 -28.60 -0.55
N LEU B 219 -5.57 -28.39 0.71
CA LEU B 219 -5.65 -27.06 1.28
C LEU B 219 -4.73 -26.10 0.54
N MET B 220 -3.52 -26.56 0.21
CA MET B 220 -2.55 -25.69 -0.47
C MET B 220 -3.11 -25.18 -1.78
N GLN B 221 -3.62 -26.10 -2.60
CA GLN B 221 -4.19 -25.71 -3.89
C GLN B 221 -5.39 -24.80 -3.72
N LYS B 222 -6.22 -25.07 -2.71
CA LYS B 222 -7.41 -24.27 -2.48
C LYS B 222 -7.06 -22.82 -2.15
N VAL B 223 -6.01 -22.60 -1.36
CA VAL B 223 -5.67 -21.25 -0.93
C VAL B 223 -4.62 -20.57 -1.81
N SER B 224 -3.83 -21.32 -2.56
CA SER B 224 -2.77 -20.73 -3.38
C SER B 224 -3.07 -20.73 -4.86
N GLY B 225 -3.92 -21.64 -5.33
CA GLY B 225 -4.21 -21.79 -6.74
C GLY B 225 -3.24 -22.67 -7.50
N TYR B 226 -2.12 -23.06 -6.90
CA TYR B 226 -1.12 -23.83 -7.64
C TYR B 226 -1.42 -25.31 -7.49
N GLN B 227 -1.09 -26.05 -8.55
CA GLN B 227 -1.26 -27.50 -8.54
C GLN B 227 -0.02 -28.14 -7.93
N TRP B 228 -0.20 -29.36 -7.42
CA TRP B 228 0.90 -30.08 -6.81
C TRP B 228 2.15 -30.11 -7.68
N CYS B 229 1.98 -30.17 -9.00
CA CYS B 229 3.13 -30.23 -9.90
C CYS B 229 3.95 -28.93 -9.86
N ASP B 230 3.29 -27.80 -9.67
CA ASP B 230 3.98 -26.52 -9.59
C ASP B 230 4.94 -26.47 -8.40
N ILE B 231 4.51 -27.01 -7.26
CA ILE B 231 5.27 -26.89 -6.02
C ILE B 231 6.09 -28.13 -5.69
N GLU B 232 5.93 -29.22 -6.44
CA GLU B 232 6.63 -30.46 -6.09
C GLU B 232 8.13 -30.23 -5.96
N ASN B 233 8.72 -29.50 -6.91
CA ASN B 233 10.15 -29.25 -6.83
C ASN B 233 10.50 -28.49 -5.56
N CYS B 234 9.73 -27.44 -5.24
CA CYS B 234 10.00 -26.66 -4.04
C CYS B 234 9.82 -27.51 -2.79
N VAL B 235 8.73 -28.28 -2.72
CA VAL B 235 8.47 -29.09 -1.53
C VAL B 235 9.63 -30.04 -1.27
N LYS B 236 10.09 -30.72 -2.33
CA LYS B 236 11.24 -31.61 -2.20
C LYS B 236 12.46 -30.87 -1.68
N TRP B 237 12.69 -29.63 -2.13
CA TRP B 237 13.82 -28.87 -1.61
C TRP B 237 13.62 -28.49 -0.15
N MET B 238 12.40 -28.09 0.20
CA MET B 238 12.14 -27.63 1.56
C MET B 238 12.18 -28.77 2.56
N VAL B 239 12.07 -30.00 2.07
CA VAL B 239 11.95 -31.22 2.87
C VAL B 239 12.87 -31.19 4.10
N PRO B 240 14.20 -31.09 3.95
CA PRO B 240 15.04 -31.13 5.17
C PRO B 240 14.75 -29.99 6.14
N PHE B 241 14.49 -28.79 5.63
CA PHE B 241 14.16 -27.67 6.52
C PHE B 241 12.91 -27.98 7.33
N ALA B 242 11.90 -28.54 6.67
CA ALA B 242 10.64 -28.84 7.36
C ALA B 242 10.86 -29.88 8.47
N MET B 243 11.68 -30.89 8.20
CA MET B 243 11.92 -31.91 9.21
C MET B 243 12.73 -31.38 10.38
N VAL B 244 13.69 -30.50 10.10
CA VAL B 244 14.47 -29.92 11.18
C VAL B 244 13.58 -29.10 12.10
N ILE B 245 12.58 -28.41 11.53
CA ILE B 245 11.58 -27.72 12.35
C ILE B 245 10.72 -28.72 13.10
N ARG B 246 10.36 -29.84 12.46
CA ARG B 246 9.48 -30.81 13.11
C ARG B 246 10.18 -31.52 14.26
N GLU B 247 11.48 -31.79 14.12
CA GLU B 247 12.22 -32.48 15.18
C GLU B 247 12.31 -31.61 16.42
N THR B 248 12.44 -30.30 16.24
CA THR B 248 12.60 -29.39 17.37
C THR B 248 11.28 -28.94 17.97
N GLY B 249 10.18 -29.09 17.25
CA GLY B 249 8.87 -28.70 17.74
C GLY B 249 8.40 -27.35 17.21
N SER B 250 7.12 -27.10 17.43
CA SER B 250 6.45 -25.89 16.96
C SER B 250 6.59 -24.76 17.97
N SER B 251 6.93 -23.57 17.47
CA SER B 251 7.14 -22.41 18.35
C SER B 251 5.82 -21.85 18.89
N LYS B 252 5.93 -21.04 19.94
CA LYS B 252 4.78 -20.44 20.61
C LYS B 252 4.61 -18.98 20.22
N LEU B 253 3.35 -18.53 20.16
CA LEU B 253 3.03 -17.13 19.87
C LEU B 253 3.48 -16.24 21.02
N LYS B 254 4.25 -15.20 20.71
CA LYS B 254 4.79 -14.30 21.72
C LYS B 254 3.91 -13.06 21.86
N HIS B 255 3.83 -12.55 23.08
CA HIS B 255 3.25 -11.25 23.32
C HIS B 255 4.37 -10.21 23.32
N PHE B 256 4.05 -9.01 22.84
CA PHE B 256 5.05 -7.94 22.75
C PHE B 256 4.51 -6.69 23.43
N ARG B 257 5.30 -6.16 24.38
CA ARG B 257 4.97 -4.90 25.05
C ARG B 257 4.68 -3.82 24.02
N GLY B 258 3.45 -3.31 24.05
CA GLY B 258 3.06 -2.24 23.15
C GLY B 258 2.50 -2.68 21.82
N VAL B 259 2.29 -3.98 21.64
CA VAL B 259 1.69 -4.51 20.43
C VAL B 259 0.37 -5.14 20.82
N ALA B 260 -0.72 -4.66 20.24
CA ALA B 260 -2.02 -5.27 20.45
C ALA B 260 -1.96 -6.75 20.12
N ASP B 261 -2.74 -7.56 20.84
CA ASP B 261 -2.62 -9.00 20.69
C ASP B 261 -3.09 -9.47 19.31
N GLU B 262 -4.05 -8.78 18.71
CA GLU B 262 -4.51 -9.13 17.37
C GLU B 262 -3.53 -8.75 16.26
N ASP B 263 -2.39 -8.15 16.61
CA ASP B 263 -1.31 -7.92 15.66
C ASP B 263 -0.05 -8.69 16.05
N ALA B 264 -0.08 -9.46 17.13
CA ALA B 264 1.14 -10.04 17.70
C ALA B 264 1.82 -11.04 16.76
N HIS B 265 1.06 -11.72 15.90
CA HIS B 265 1.66 -12.67 14.96
C HIS B 265 2.44 -11.97 13.83
N ASN B 266 2.21 -10.67 13.61
CA ASN B 266 2.87 -9.92 12.56
C ASN B 266 4.24 -9.38 12.94
N ILE B 267 4.66 -9.53 14.20
CA ILE B 267 5.95 -9.02 14.66
C ILE B 267 7.02 -10.07 14.41
N GLN B 268 8.16 -9.65 13.85
CA GLN B 268 9.24 -10.57 13.52
C GLN B 268 9.88 -11.11 14.79
N THR B 269 10.21 -12.40 14.78
CA THR B 269 10.91 -13.04 15.89
C THR B 269 12.25 -13.60 15.41
N HIS B 270 13.00 -14.16 16.36
CA HIS B 270 14.33 -14.68 16.07
C HIS B 270 14.67 -15.78 17.06
N ARG B 271 15.27 -16.85 16.56
CA ARG B 271 15.82 -17.92 17.39
C ARG B 271 17.11 -18.42 16.76
N ASP B 272 17.76 -19.38 17.41
CA ASP B 272 19.02 -19.92 16.90
C ASP B 272 18.74 -20.76 15.66
N SER B 273 18.54 -20.06 14.54
CA SER B 273 18.23 -20.68 13.27
C SER B 273 19.48 -21.03 12.46
N LEU B 274 20.63 -20.44 12.77
CA LEU B 274 21.84 -20.86 12.08
C LEU B 274 22.26 -22.26 12.48
N ASP B 275 22.01 -22.64 13.74
CA ASP B 275 22.21 -24.02 14.14
C ASP B 275 21.29 -24.95 13.35
N LEU B 276 20.00 -24.62 13.28
CA LEU B 276 19.06 -25.47 12.55
C LEU B 276 19.38 -25.49 11.05
N LEU B 277 19.94 -24.41 10.51
CA LEU B 277 20.26 -24.39 9.09
C LEU B 277 21.33 -25.40 8.74
N ASP B 278 22.27 -25.65 9.67
CA ASP B 278 23.30 -26.66 9.45
C ASP B 278 22.69 -28.04 9.27
N LYS B 279 21.81 -28.44 10.20
CA LYS B 279 21.24 -29.78 10.16
C LYS B 279 20.48 -30.02 8.85
N ALA B 280 19.82 -28.99 8.34
CA ALA B 280 19.03 -29.15 7.11
C ALA B 280 19.91 -29.47 5.91
N ARG B 281 21.18 -29.05 5.92
CA ARG B 281 22.09 -29.30 4.81
C ARG B 281 22.69 -30.70 4.84
N ALA B 282 22.35 -31.50 5.85
CA ALA B 282 22.80 -32.89 5.91
C ALA B 282 22.07 -33.74 4.88
#